data_8OMF
#
_entry.id   8OMF
#
_cell.length_a   83.360
_cell.length_b   86.890
_cell.length_c   137.910
_cell.angle_alpha   90.000
_cell.angle_beta   90.000
_cell.angle_gamma   90.000
#
_symmetry.space_group_name_H-M   'P 21 21 21'
#
loop_
_entity.id
_entity.type
_entity.pdbx_description
1 polymer Ketohexokinase
2 non-polymer 'SULFATE ION'
3 non-polymer compound
4 water water
#
_entity_poly.entity_id   1
_entity_poly.type   'polypeptide(L)'
_entity_poly.pdbx_seq_one_letter_code
;MGSSHHHHHHSSGLVPRGSQILCVGLVVLDVISLVDKYPKEDSEIRCLSQRWQRGGNASNSCTVLSLLGAPCAFMGSMAP
GHVADFLVADFRRRGVDVSQVAWQSKGDTPSSCCIINNSNGNRTIVLHDTSLPDVSATDFEKVDLTQFKWIHIEGRNASE
QVKMLQRIDAHNTRQPPEQKIRVSVEVEKPREELFQLFGYGDVVFVSKDVAKHLGFQSAEEALRGLYGRVRKGAVLVCAW
AEEGADALGPDGKLLHSDAFPPPRVVDTLGAGDTFNASVIFSLSQGRSVQEALRFGCQVAGKKCGLQGFDGIV
;
_entity_poly.pdbx_strand_id   A,B
#
loop_
_chem_comp.id
_chem_comp.type
_chem_comp.name
_chem_comp.formula
SO4 non-polymer 'SULFATE ION' 'O4 S -2'
VTJ non-polymer compound 'C29 H30 N2 O3 S'
#
# COMPACT_ATOMS: atom_id res chain seq x y z
N GLY A 18 19.38 -21.33 -26.99
CA GLY A 18 17.98 -21.15 -27.35
C GLY A 18 17.01 -21.87 -26.44
N SER A 19 17.20 -21.74 -25.12
CA SER A 19 16.34 -22.43 -24.15
C SER A 19 15.36 -21.52 -23.41
N GLN A 20 15.69 -20.23 -23.26
CA GLN A 20 14.91 -19.28 -22.48
C GLN A 20 13.93 -18.41 -23.25
N ILE A 21 12.93 -17.91 -22.52
CA ILE A 21 11.94 -16.94 -23.00
C ILE A 21 12.25 -15.67 -22.20
N LEU A 22 12.56 -14.58 -22.90
CA LEU A 22 12.86 -13.29 -22.30
C LEU A 22 11.65 -12.35 -22.36
N CYS A 23 11.32 -11.70 -21.24
CA CYS A 23 10.25 -10.69 -21.20
C CYS A 23 10.88 -9.36 -20.81
N VAL A 24 10.75 -8.39 -21.71
CA VAL A 24 11.25 -7.03 -21.54
C VAL A 24 10.04 -6.17 -21.23
N GLY A 25 10.12 -5.43 -20.12
CA GLY A 25 9.06 -4.54 -19.66
C GLY A 25 9.30 -4.07 -18.24
N LEU A 26 8.21 -3.87 -17.51
CA LEU A 26 8.27 -3.38 -16.15
C LEU A 26 8.21 -4.45 -15.06
N VAL A 27 8.78 -4.12 -13.90
CA VAL A 27 8.68 -4.82 -12.62
C VAL A 27 8.22 -3.75 -11.62
N VAL A 28 7.01 -3.96 -11.06
CA VAL A 28 6.33 -3.03 -10.16
C VAL A 28 5.92 -3.70 -8.84
N LEU A 29 6.11 -3.03 -7.67
CA LEU A 29 5.57 -3.61 -6.45
C LEU A 29 4.06 -3.29 -6.38
N ASP A 30 3.22 -4.33 -6.34
CA ASP A 30 1.76 -4.21 -6.24
C ASP A 30 1.30 -4.35 -4.80
N VAL A 31 0.82 -3.26 -4.21
CA VAL A 31 0.29 -3.26 -2.85
C VAL A 31 -1.21 -3.43 -3.00
N ILE A 32 -1.65 -4.64 -2.70
CA ILE A 32 -2.96 -5.17 -2.90
C ILE A 32 -3.83 -5.10 -1.66
N SER A 33 -5.04 -4.57 -1.88
CA SER A 33 -6.12 -4.53 -0.90
C SER A 33 -7.30 -5.29 -1.50
N LEU A 34 -7.74 -6.38 -0.83
CA LEU A 34 -8.88 -7.16 -1.30
C LEU A 34 -10.13 -6.62 -0.60
N VAL A 35 -11.12 -6.13 -1.39
CA VAL A 35 -12.34 -5.51 -0.87
C VAL A 35 -13.61 -6.28 -1.31
N ASP A 36 -14.65 -6.20 -0.47
CA ASP A 36 -15.97 -6.78 -0.68
C ASP A 36 -16.68 -6.03 -1.82
N LYS A 37 -16.62 -4.70 -1.78
CA LYS A 37 -17.20 -3.79 -2.76
C LYS A 37 -16.26 -2.60 -3.03
N TYR A 38 -16.21 -2.14 -4.30
CA TYR A 38 -15.39 -0.98 -4.69
C TYR A 38 -15.86 0.29 -3.94
N PRO A 39 -14.95 1.02 -3.25
CA PRO A 39 -15.41 2.20 -2.50
C PRO A 39 -15.84 3.36 -3.36
N LYS A 40 -16.91 4.05 -2.94
CA LYS A 40 -17.39 5.26 -3.59
C LYS A 40 -16.44 6.38 -3.11
N GLU A 41 -16.27 7.45 -3.90
CA GLU A 41 -15.40 8.55 -3.49
C GLU A 41 -15.89 9.22 -2.19
N ASP A 42 -14.94 9.59 -1.30
CA ASP A 42 -15.11 10.23 0.02
C ASP A 42 -15.60 9.24 1.11
N SER A 43 -15.62 7.93 0.82
CA SER A 43 -16.01 6.92 1.80
C SER A 43 -14.81 6.22 2.48
N GLU A 44 -15.07 5.55 3.62
CA GLU A 44 -14.11 4.76 4.39
C GLU A 44 -14.63 3.31 4.40
N ILE A 45 -13.84 2.39 3.85
CA ILE A 45 -14.17 0.96 3.80
C ILE A 45 -13.02 0.14 4.39
N ARG A 46 -13.32 -1.03 4.95
CA ARG A 46 -12.32 -1.91 5.54
C ARG A 46 -12.01 -3.03 4.56
N CYS A 47 -10.72 -3.27 4.22
CA CYS A 47 -10.40 -4.37 3.30
C CYS A 47 -10.50 -5.73 4.02
N LEU A 48 -10.75 -6.78 3.23
CA LEU A 48 -10.87 -8.16 3.70
C LEU A 48 -9.49 -8.69 4.07
N SER A 49 -8.49 -8.40 3.21
CA SER A 49 -7.09 -8.80 3.37
C SER A 49 -6.17 -7.90 2.53
N GLN A 50 -4.88 -8.04 2.81
CA GLN A 50 -3.82 -7.33 2.12
C GLN A 50 -2.63 -8.23 1.81
N ARG A 51 -1.93 -7.92 0.71
CA ARG A 51 -0.72 -8.58 0.27
C ARG A 51 0.12 -7.68 -0.64
N TRP A 52 1.40 -8.03 -0.75
CA TRP A 52 2.37 -7.41 -1.65
C TRP A 52 2.58 -8.47 -2.74
N GLN A 53 2.54 -8.08 -4.00
CA GLN A 53 2.76 -8.99 -5.12
C GLN A 53 3.76 -8.35 -6.07
N ARG A 54 4.67 -9.17 -6.64
CA ARG A 54 5.59 -8.68 -7.66
C ARG A 54 4.72 -8.52 -8.91
N GLY A 55 4.58 -7.29 -9.36
CA GLY A 55 3.73 -6.88 -10.49
C GLY A 55 4.49 -6.38 -11.69
N GLY A 56 3.78 -5.71 -12.60
CA GLY A 56 4.30 -5.27 -13.90
C GLY A 56 3.96 -6.33 -14.92
N ASN A 57 3.53 -5.92 -16.15
CA ASN A 57 3.09 -6.83 -17.22
C ASN A 57 4.13 -7.89 -17.58
N ALA A 58 5.37 -7.49 -17.91
CA ALA A 58 6.46 -8.40 -18.25
C ALA A 58 6.85 -9.31 -17.08
N SER A 59 6.87 -8.77 -15.84
CA SER A 59 7.21 -9.53 -14.62
C SER A 59 6.13 -10.57 -14.28
N ASN A 60 4.83 -10.22 -14.49
CA ASN A 60 3.70 -11.14 -14.27
C ASN A 60 3.76 -12.29 -15.27
N SER A 61 4.11 -11.99 -16.54
CA SER A 61 4.22 -12.99 -17.60
C SER A 61 5.33 -13.98 -17.27
N CYS A 62 6.45 -13.48 -16.67
CA CYS A 62 7.59 -14.30 -16.22
C CYS A 62 7.15 -15.31 -15.15
N THR A 63 6.32 -14.88 -14.19
CA THR A 63 5.76 -15.74 -13.12
C THR A 63 4.99 -16.91 -13.74
N VAL A 64 4.08 -16.59 -14.67
CA VAL A 64 3.22 -17.56 -15.37
C VAL A 64 4.07 -18.53 -16.18
N LEU A 65 5.05 -18.00 -16.95
CA LEU A 65 5.99 -18.81 -17.73
C LEU A 65 6.76 -19.81 -16.86
N SER A 66 7.29 -19.36 -15.69
CA SER A 66 7.99 -20.23 -14.73
C SER A 66 7.06 -21.32 -14.19
N LEU A 67 5.81 -20.96 -13.81
CA LEU A 67 4.79 -21.90 -13.33
C LEU A 67 4.39 -22.91 -14.41
N LEU A 68 4.45 -22.51 -15.69
CA LEU A 68 4.13 -23.40 -16.82
C LEU A 68 5.28 -24.38 -17.12
N GLY A 69 6.45 -24.14 -16.52
CA GLY A 69 7.63 -24.98 -16.66
C GLY A 69 8.64 -24.51 -17.69
N ALA A 70 8.55 -23.25 -18.11
CA ALA A 70 9.50 -22.70 -19.10
C ALA A 70 10.64 -21.96 -18.42
N PRO A 71 11.91 -22.21 -18.85
CA PRO A 71 13.02 -21.41 -18.31
C PRO A 71 12.83 -19.99 -18.84
N CYS A 72 12.90 -19.00 -17.96
CA CYS A 72 12.66 -17.65 -18.42
C CYS A 72 13.52 -16.60 -17.72
N ALA A 73 13.71 -15.49 -18.43
CA ALA A 73 14.50 -14.35 -17.98
C ALA A 73 13.68 -13.06 -18.06
N PHE A 74 13.91 -12.16 -17.11
CA PHE A 74 13.27 -10.86 -17.05
C PHE A 74 14.32 -9.75 -17.23
N MET A 75 13.98 -8.77 -18.09
CA MET A 75 14.79 -7.60 -18.32
C MET A 75 13.94 -6.36 -18.05
N GLY A 76 14.39 -5.58 -17.08
CA GLY A 76 13.75 -4.36 -16.64
C GLY A 76 14.68 -3.53 -15.77
N SER A 77 14.28 -2.28 -15.52
CA SER A 77 15.07 -1.38 -14.70
C SER A 77 14.66 -1.50 -13.24
N MET A 78 15.66 -1.65 -12.36
CA MET A 78 15.46 -1.79 -10.92
C MET A 78 16.44 -0.89 -10.14
N ALA A 79 15.96 -0.28 -9.06
CA ALA A 79 16.77 0.57 -8.22
C ALA A 79 17.11 -0.15 -6.90
N PRO A 80 18.41 -0.16 -6.50
CA PRO A 80 18.78 -0.82 -5.24
C PRO A 80 17.97 -0.30 -4.05
N GLY A 81 17.54 -1.21 -3.20
CA GLY A 81 16.74 -0.91 -2.02
C GLY A 81 15.94 -2.09 -1.53
N HIS A 82 15.21 -1.90 -0.42
CA HIS A 82 14.42 -2.96 0.22
C HIS A 82 13.26 -3.48 -0.64
N VAL A 83 12.66 -2.60 -1.48
CA VAL A 83 11.58 -2.97 -2.40
C VAL A 83 12.15 -3.95 -3.45
N ALA A 84 13.28 -3.58 -4.10
CA ALA A 84 14.01 -4.40 -5.08
C ALA A 84 14.45 -5.74 -4.47
N ASP A 85 14.90 -5.73 -3.19
CA ASP A 85 15.30 -6.94 -2.47
C ASP A 85 14.13 -7.92 -2.40
N PHE A 86 12.90 -7.42 -2.12
CA PHE A 86 11.68 -8.24 -2.07
C PHE A 86 11.38 -8.83 -3.45
N LEU A 87 11.42 -7.99 -4.51
CA LEU A 87 11.12 -8.36 -5.87
C LEU A 87 12.11 -9.40 -6.40
N VAL A 88 13.43 -9.20 -6.14
CA VAL A 88 14.49 -10.13 -6.54
C VAL A 88 14.29 -11.48 -5.84
N ALA A 89 14.08 -11.48 -4.50
CA ALA A 89 13.83 -12.71 -3.73
C ALA A 89 12.62 -13.45 -4.29
N ASP A 90 11.53 -12.72 -4.63
CA ASP A 90 10.32 -13.28 -5.21
C ASP A 90 10.60 -13.86 -6.61
N PHE A 91 11.32 -13.12 -7.47
CA PHE A 91 11.73 -13.56 -8.81
C PHE A 91 12.51 -14.91 -8.71
N ARG A 92 13.48 -14.98 -7.76
CA ARG A 92 14.32 -16.16 -7.49
C ARG A 92 13.54 -17.34 -6.91
N ARG A 93 12.52 -17.05 -6.08
CA ARG A 93 11.66 -18.10 -5.51
C ARG A 93 10.89 -18.79 -6.65
N ARG A 94 10.59 -18.05 -7.73
CA ARG A 94 9.88 -18.53 -8.92
C ARG A 94 10.83 -19.17 -9.95
N GLY A 95 12.12 -18.88 -9.83
CA GLY A 95 13.15 -19.38 -10.73
C GLY A 95 13.39 -18.44 -11.90
N VAL A 96 12.82 -17.21 -11.82
CA VAL A 96 13.01 -16.20 -12.87
C VAL A 96 14.47 -15.72 -12.82
N ASP A 97 15.13 -15.77 -13.98
CA ASP A 97 16.51 -15.36 -14.21
C ASP A 97 16.53 -13.83 -14.24
N VAL A 98 17.31 -13.20 -13.33
CA VAL A 98 17.37 -11.74 -13.20
C VAL A 98 18.75 -11.16 -13.60
N SER A 99 19.61 -11.96 -14.24
CA SER A 99 20.94 -11.53 -14.68
C SER A 99 20.94 -10.37 -15.72
N GLN A 100 19.80 -10.11 -16.37
CA GLN A 100 19.62 -9.07 -17.39
C GLN A 100 19.06 -7.75 -16.82
N VAL A 101 18.80 -7.67 -15.50
CA VAL A 101 18.25 -6.48 -14.87
C VAL A 101 19.20 -5.29 -15.01
N ALA A 102 18.68 -4.17 -15.53
CA ALA A 102 19.42 -2.93 -15.69
C ALA A 102 19.29 -2.15 -14.37
N TRP A 103 20.30 -2.26 -13.49
CA TRP A 103 20.30 -1.56 -12.20
C TRP A 103 20.55 -0.07 -12.39
N GLN A 104 19.65 0.77 -11.80
CA GLN A 104 19.70 2.23 -11.92
C GLN A 104 20.29 2.95 -10.70
N SER A 105 20.95 4.12 -10.92
CA SER A 105 21.57 4.96 -9.87
C SER A 105 20.58 5.82 -9.05
N LYS A 106 19.32 5.91 -9.52
CA LYS A 106 18.21 6.66 -8.91
C LYS A 106 17.96 6.32 -7.43
N GLY A 107 17.29 5.19 -7.19
CA GLY A 107 16.93 4.71 -5.86
C GLY A 107 15.45 4.62 -5.59
N ASP A 108 14.61 4.57 -6.66
CA ASP A 108 13.14 4.50 -6.52
C ASP A 108 12.45 3.49 -7.47
N THR A 109 11.91 2.42 -6.87
CA THR A 109 11.19 1.36 -7.58
C THR A 109 9.72 1.76 -7.75
N PRO A 110 9.08 1.53 -8.92
CA PRO A 110 7.65 1.88 -9.06
C PRO A 110 6.76 0.97 -8.22
N SER A 111 5.70 1.54 -7.68
CA SER A 111 4.74 0.81 -6.87
C SER A 111 3.34 1.19 -7.25
N SER A 112 2.40 0.31 -6.97
CA SER A 112 1.01 0.51 -7.27
C SER A 112 0.15 0.16 -6.10
N CYS A 113 -0.93 0.94 -5.91
CA CYS A 113 -1.98 0.60 -4.99
C CYS A 113 -3.04 -0.10 -5.85
N CYS A 114 -3.21 -1.41 -5.63
CA CYS A 114 -4.16 -2.26 -6.37
C CYS A 114 -5.36 -2.58 -5.48
N ILE A 115 -6.57 -2.18 -5.92
CA ILE A 115 -7.83 -2.46 -5.22
C ILE A 115 -8.49 -3.61 -5.97
N ILE A 116 -8.64 -4.77 -5.30
CA ILE A 116 -9.26 -5.94 -5.92
C ILE A 116 -10.63 -6.21 -5.32
N ASN A 117 -11.67 -6.18 -6.17
CA ASN A 117 -13.04 -6.47 -5.76
C ASN A 117 -13.21 -8.00 -5.76
N ASN A 118 -13.44 -8.58 -4.57
CA ASN A 118 -13.64 -10.01 -4.40
C ASN A 118 -14.96 -10.54 -4.95
N SER A 119 -15.97 -9.64 -5.13
CA SER A 119 -17.29 -10.00 -5.65
C SER A 119 -17.35 -10.29 -7.16
N ASN A 120 -16.39 -9.75 -7.95
CA ASN A 120 -16.39 -9.89 -9.41
C ASN A 120 -14.98 -9.92 -10.03
N GLY A 121 -13.95 -9.81 -9.19
CA GLY A 121 -12.55 -9.85 -9.61
C GLY A 121 -11.95 -8.58 -10.19
N ASN A 122 -12.75 -7.49 -10.32
CA ASN A 122 -12.28 -6.22 -10.86
C ASN A 122 -11.04 -5.70 -10.15
N ARG A 123 -10.09 -5.15 -10.92
CA ARG A 123 -8.84 -4.64 -10.38
C ARG A 123 -8.62 -3.19 -10.79
N THR A 124 -8.49 -2.31 -9.80
CA THR A 124 -8.26 -0.88 -10.00
C THR A 124 -6.84 -0.57 -9.56
N ILE A 125 -6.04 0.02 -10.46
CA ILE A 125 -4.62 0.32 -10.22
C ILE A 125 -4.32 1.81 -10.21
N VAL A 126 -3.70 2.25 -9.09
CA VAL A 126 -3.22 3.61 -8.91
C VAL A 126 -1.70 3.40 -8.98
N LEU A 127 -1.13 3.61 -10.18
CA LEU A 127 0.29 3.43 -10.41
C LEU A 127 1.12 4.67 -10.02
N HIS A 128 2.25 4.41 -9.36
CA HIS A 128 3.20 5.44 -9.02
C HIS A 128 4.43 5.23 -9.90
N ASP A 129 4.48 5.98 -10.99
CA ASP A 129 5.58 5.93 -11.94
C ASP A 129 6.69 6.82 -11.36
N THR A 130 7.79 6.18 -10.91
CA THR A 130 8.94 6.85 -10.29
C THR A 130 9.77 7.67 -11.27
N SER A 131 9.43 7.59 -12.59
CA SER A 131 10.13 8.26 -13.69
C SER A 131 11.62 7.85 -13.73
N LEU A 132 11.90 6.59 -13.30
CA LEU A 132 13.25 6.01 -13.32
C LEU A 132 13.55 5.65 -14.80
N PRO A 133 14.83 5.63 -15.25
CA PRO A 133 15.06 5.38 -16.69
C PRO A 133 14.68 3.99 -17.12
N ASP A 134 14.01 3.88 -18.29
CA ASP A 134 13.61 2.58 -18.84
C ASP A 134 14.84 1.87 -19.43
N VAL A 135 14.65 0.62 -19.87
CA VAL A 135 15.68 -0.18 -20.52
C VAL A 135 15.94 0.49 -21.88
N SER A 136 17.21 0.80 -22.16
CA SER A 136 17.59 1.45 -23.41
C SER A 136 18.04 0.41 -24.45
N ALA A 137 18.16 0.83 -25.72
CA ALA A 137 18.63 -0.03 -26.80
C ALA A 137 20.09 -0.40 -26.57
N THR A 138 20.86 0.51 -25.91
CA THR A 138 22.26 0.32 -25.51
C THR A 138 22.35 -0.79 -24.45
N ASP A 139 21.43 -0.79 -23.46
CA ASP A 139 21.35 -1.83 -22.43
C ASP A 139 21.02 -3.18 -23.11
N PHE A 140 20.07 -3.19 -24.06
CA PHE A 140 19.68 -4.37 -24.84
C PHE A 140 20.82 -4.92 -25.70
N GLU A 141 21.67 -4.02 -26.26
CA GLU A 141 22.83 -4.34 -27.11
C GLU A 141 23.89 -5.19 -26.40
N LYS A 142 23.97 -5.09 -25.06
CA LYS A 142 24.93 -5.80 -24.21
C LYS A 142 24.50 -7.24 -23.92
N VAL A 143 23.24 -7.58 -24.22
CA VAL A 143 22.64 -8.88 -23.99
C VAL A 143 22.99 -9.88 -25.08
N ASP A 144 23.51 -11.06 -24.67
CA ASP A 144 23.80 -12.19 -25.56
C ASP A 144 22.44 -12.84 -25.85
N LEU A 145 22.08 -12.92 -27.14
CA LEU A 145 20.78 -13.42 -27.60
C LEU A 145 20.71 -14.94 -27.86
N THR A 146 21.87 -15.62 -28.04
CA THR A 146 21.94 -17.06 -28.35
C THR A 146 21.20 -17.96 -27.34
N GLN A 147 21.09 -17.51 -26.07
CA GLN A 147 20.42 -18.26 -25.00
C GLN A 147 18.88 -18.27 -25.09
N PHE A 148 18.28 -17.33 -25.86
CA PHE A 148 16.82 -17.22 -25.97
C PHE A 148 16.22 -17.80 -27.24
N LYS A 149 15.04 -18.41 -27.11
CA LYS A 149 14.27 -18.95 -28.22
C LYS A 149 13.11 -18.00 -28.57
N TRP A 150 12.68 -17.18 -27.57
CA TRP A 150 11.57 -16.23 -27.67
C TRP A 150 11.87 -14.95 -26.89
N ILE A 151 11.54 -13.78 -27.48
CA ILE A 151 11.67 -12.48 -26.82
C ILE A 151 10.33 -11.75 -26.89
N HIS A 152 9.74 -11.43 -25.73
CA HIS A 152 8.49 -10.69 -25.58
C HIS A 152 8.76 -9.28 -25.05
N ILE A 153 8.23 -8.26 -25.75
CA ILE A 153 8.43 -6.86 -25.36
C ILE A 153 7.11 -6.16 -25.02
N GLU A 154 7.01 -5.66 -23.80
CA GLU A 154 5.88 -4.89 -23.30
C GLU A 154 6.09 -3.44 -23.77
N GLY A 155 5.16 -2.95 -24.59
CA GLY A 155 5.19 -1.58 -25.11
C GLY A 155 5.28 -0.53 -24.03
N ARG A 156 6.35 0.29 -24.07
CA ARG A 156 6.62 1.35 -23.09
C ARG A 156 7.27 2.55 -23.79
N ASN A 157 8.60 2.51 -23.99
CA ASN A 157 9.40 3.53 -24.69
C ASN A 157 9.61 3.04 -26.12
N ALA A 158 8.59 3.22 -26.96
CA ALA A 158 8.52 2.73 -28.33
C ALA A 158 9.74 3.01 -29.19
N SER A 159 10.24 4.27 -29.20
CA SER A 159 11.41 4.71 -29.95
C SER A 159 12.66 3.85 -29.64
N GLU A 160 12.90 3.57 -28.34
CA GLU A 160 14.02 2.74 -27.89
C GLU A 160 13.76 1.26 -28.18
N GLN A 161 12.52 0.80 -27.97
CA GLN A 161 12.10 -0.58 -28.18
C GLN A 161 12.17 -1.01 -29.63
N VAL A 162 11.85 -0.09 -30.58
CA VAL A 162 11.94 -0.31 -32.03
C VAL A 162 13.39 -0.70 -32.42
N LYS A 163 14.40 -0.06 -31.80
CA LYS A 163 15.83 -0.35 -32.01
C LYS A 163 16.20 -1.76 -31.47
N MET A 164 15.63 -2.17 -30.31
CA MET A 164 15.83 -3.49 -29.70
C MET A 164 15.31 -4.57 -30.66
N LEU A 165 14.11 -4.31 -31.24
CA LEU A 165 13.42 -5.15 -32.22
C LEU A 165 14.23 -5.24 -33.52
N GLN A 166 14.84 -4.12 -33.96
CA GLN A 166 15.70 -4.08 -35.14
C GLN A 166 16.98 -4.91 -34.93
N ARG A 167 17.51 -4.95 -33.68
CA ARG A 167 18.67 -5.77 -33.33
C ARG A 167 18.31 -7.27 -33.44
N ILE A 168 17.11 -7.68 -32.95
CA ILE A 168 16.67 -9.08 -33.04
C ILE A 168 16.50 -9.49 -34.52
N ASP A 169 15.94 -8.59 -35.35
CA ASP A 169 15.77 -8.81 -36.78
C ASP A 169 17.11 -9.09 -37.46
N ALA A 170 18.14 -8.26 -37.18
CA ALA A 170 19.49 -8.40 -37.74
C ALA A 170 20.13 -9.73 -37.32
N HIS A 171 19.96 -10.13 -36.04
CA HIS A 171 20.44 -11.40 -35.50
C HIS A 171 19.82 -12.57 -36.29
N ASN A 172 18.49 -12.52 -36.49
CA ASN A 172 17.71 -13.55 -37.18
C ASN A 172 18.05 -13.71 -38.67
N THR A 173 18.52 -12.64 -39.37
CA THR A 173 18.89 -12.73 -40.80
C THR A 173 20.06 -13.71 -41.02
N ARG A 174 21.00 -13.71 -40.04
CA ARG A 174 22.21 -14.53 -39.97
C ARG A 174 21.94 -16.00 -39.57
N GLN A 175 20.79 -16.29 -38.91
CA GLN A 175 20.43 -17.64 -38.42
C GLN A 175 19.52 -18.45 -39.37
N PRO A 176 19.72 -19.80 -39.44
CA PRO A 176 18.81 -20.65 -40.25
C PRO A 176 17.40 -20.70 -39.60
N PRO A 177 16.31 -21.03 -40.35
CA PRO A 177 14.95 -21.01 -39.76
C PRO A 177 14.74 -21.72 -38.42
N GLU A 178 15.56 -22.77 -38.16
CA GLU A 178 15.53 -23.59 -36.95
C GLU A 178 16.10 -22.90 -35.70
N GLN A 179 16.99 -21.89 -35.90
CA GLN A 179 17.63 -21.16 -34.79
C GLN A 179 17.24 -19.66 -34.72
N LYS A 180 16.13 -19.28 -35.38
CA LYS A 180 15.61 -17.91 -35.37
C LYS A 180 14.81 -17.63 -34.09
N ILE A 181 15.09 -16.50 -33.43
CA ILE A 181 14.39 -16.11 -32.20
C ILE A 181 13.01 -15.56 -32.55
N ARG A 182 11.95 -16.16 -31.94
CA ARG A 182 10.58 -15.73 -32.14
C ARG A 182 10.28 -14.49 -31.30
N VAL A 183 9.51 -13.55 -31.85
CA VAL A 183 9.26 -12.25 -31.20
C VAL A 183 7.78 -11.93 -31.01
N SER A 184 7.44 -11.39 -29.83
CA SER A 184 6.11 -10.89 -29.54
C SER A 184 6.17 -9.50 -28.91
N VAL A 185 5.14 -8.70 -29.16
CA VAL A 185 4.99 -7.34 -28.66
C VAL A 185 3.56 -7.16 -28.12
N GLU A 186 3.41 -6.35 -27.06
CA GLU A 186 2.11 -6.01 -26.48
C GLU A 186 1.89 -4.49 -26.57
N VAL A 187 0.70 -4.10 -27.07
CA VAL A 187 0.23 -2.71 -27.18
C VAL A 187 -1.01 -2.70 -26.28
N GLU A 188 -0.80 -2.37 -25.00
CA GLU A 188 -1.84 -2.40 -23.96
C GLU A 188 -2.43 -1.01 -23.61
N LYS A 189 -1.63 0.07 -23.77
CA LYS A 189 -2.07 1.43 -23.48
C LYS A 189 -2.43 2.18 -24.76
N PRO A 190 -3.52 2.99 -24.78
CA PRO A 190 -3.86 3.72 -26.01
C PRO A 190 -3.01 4.98 -26.20
N ARG A 191 -1.70 4.77 -26.34
CA ARG A 191 -0.72 5.83 -26.55
C ARG A 191 -0.26 5.71 -28.01
N GLU A 192 -0.45 6.78 -28.77
CA GLU A 192 -0.16 6.97 -30.20
C GLU A 192 1.27 6.53 -30.61
N GLU A 193 2.30 6.84 -29.78
CA GLU A 193 3.71 6.48 -30.00
C GLU A 193 3.97 4.96 -29.99
N LEU A 194 3.09 4.17 -29.36
CA LEU A 194 3.22 2.71 -29.30
C LEU A 194 2.71 2.01 -30.55
N PHE A 195 1.91 2.71 -31.39
CA PHE A 195 1.29 2.15 -32.59
C PHE A 195 2.30 1.80 -33.72
N GLN A 196 3.59 2.23 -33.56
CA GLN A 196 4.67 1.89 -34.49
C GLN A 196 5.16 0.44 -34.21
N LEU A 197 4.89 -0.07 -32.99
CA LEU A 197 5.26 -1.42 -32.55
C LEU A 197 4.46 -2.53 -33.23
N PHE A 198 3.29 -2.19 -33.84
CA PHE A 198 2.44 -3.13 -34.59
C PHE A 198 3.21 -3.76 -35.74
N GLY A 199 4.07 -2.98 -36.41
CA GLY A 199 4.89 -3.41 -37.53
C GLY A 199 6.06 -4.30 -37.16
N TYR A 200 6.17 -4.70 -35.87
CA TYR A 200 7.24 -5.55 -35.35
C TYR A 200 6.71 -6.78 -34.64
N GLY A 201 7.47 -7.86 -34.70
CA GLY A 201 7.12 -9.13 -34.06
C GLY A 201 6.36 -10.12 -34.94
N ASP A 202 6.48 -11.40 -34.57
CA ASP A 202 5.79 -12.51 -35.20
C ASP A 202 4.36 -12.58 -34.66
N VAL A 203 4.19 -12.15 -33.39
CA VAL A 203 2.93 -12.17 -32.63
C VAL A 203 2.74 -10.77 -32.02
N VAL A 204 1.58 -10.16 -32.27
CA VAL A 204 1.23 -8.83 -31.77
C VAL A 204 -0.02 -8.95 -30.90
N PHE A 205 0.11 -8.60 -29.61
CA PHE A 205 -1.02 -8.58 -28.68
C PHE A 205 -1.56 -7.16 -28.60
N VAL A 206 -2.86 -7.00 -28.85
CA VAL A 206 -3.54 -5.69 -28.76
C VAL A 206 -4.64 -5.81 -27.71
N SER A 207 -4.65 -4.90 -26.73
CA SER A 207 -5.65 -4.95 -25.66
C SER A 207 -7.02 -4.47 -26.16
N LYS A 208 -8.07 -4.85 -25.42
CA LYS A 208 -9.46 -4.44 -25.66
C LYS A 208 -9.55 -2.92 -25.51
N ASP A 209 -8.87 -2.33 -24.49
CA ASP A 209 -8.82 -0.89 -24.21
C ASP A 209 -8.30 -0.10 -25.41
N VAL A 210 -7.20 -0.54 -26.04
CA VAL A 210 -6.63 0.09 -27.25
C VAL A 210 -7.67 0.04 -28.39
N ALA A 211 -8.21 -1.17 -28.68
CA ALA A 211 -9.21 -1.44 -29.71
C ALA A 211 -10.45 -0.54 -29.57
N LYS A 212 -10.97 -0.41 -28.33
CA LYS A 212 -12.13 0.44 -28.02
C LYS A 212 -11.80 1.91 -28.28
N HIS A 213 -10.60 2.36 -27.86
CA HIS A 213 -10.10 3.72 -28.07
C HIS A 213 -9.93 4.05 -29.55
N LEU A 214 -9.70 3.02 -30.39
CA LEU A 214 -9.58 3.19 -31.84
C LEU A 214 -10.95 3.05 -32.56
N GLY A 215 -12.02 2.93 -31.77
CA GLY A 215 -13.39 2.83 -32.27
C GLY A 215 -13.94 1.44 -32.53
N PHE A 216 -13.16 0.37 -32.22
CA PHE A 216 -13.59 -1.01 -32.44
C PHE A 216 -14.43 -1.52 -31.29
N GLN A 217 -15.52 -2.22 -31.62
CA GLN A 217 -16.51 -2.71 -30.65
C GLN A 217 -16.43 -4.21 -30.33
N SER A 218 -15.52 -4.95 -30.99
CA SER A 218 -15.32 -6.39 -30.77
C SER A 218 -13.90 -6.79 -31.19
N ALA A 219 -13.46 -7.98 -30.76
CA ALA A 219 -12.15 -8.53 -31.09
C ALA A 219 -12.04 -8.73 -32.61
N GLU A 220 -13.14 -9.17 -33.25
CA GLU A 220 -13.26 -9.40 -34.69
C GLU A 220 -13.07 -8.10 -35.47
N GLU A 221 -13.77 -7.02 -35.04
CA GLU A 221 -13.70 -5.68 -35.66
C GLU A 221 -12.26 -5.17 -35.59
N ALA A 222 -11.66 -5.27 -34.40
CA ALA A 222 -10.29 -4.84 -34.10
C ALA A 222 -9.26 -5.56 -34.95
N LEU A 223 -9.36 -6.90 -35.07
CA LEU A 223 -8.40 -7.68 -35.85
C LEU A 223 -8.45 -7.36 -37.35
N ARG A 224 -9.66 -7.27 -37.94
CA ARG A 224 -9.86 -6.93 -39.35
C ARG A 224 -9.39 -5.50 -39.66
N GLY A 225 -9.66 -4.57 -38.73
CA GLY A 225 -9.29 -3.17 -38.86
C GLY A 225 -7.84 -2.82 -38.59
N LEU A 226 -7.13 -3.66 -37.81
CA LEU A 226 -5.73 -3.39 -37.46
C LEU A 226 -4.72 -4.32 -38.13
N TYR A 227 -5.16 -5.40 -38.82
CA TYR A 227 -4.22 -6.34 -39.45
C TYR A 227 -3.23 -5.68 -40.42
N GLY A 228 -3.68 -4.65 -41.15
CA GLY A 228 -2.85 -3.91 -42.11
C GLY A 228 -1.61 -3.25 -41.55
N ARG A 229 -1.54 -3.12 -40.21
CA ARG A 229 -0.42 -2.49 -39.49
C ARG A 229 0.73 -3.46 -39.13
N VAL A 230 0.45 -4.77 -39.08
CA VAL A 230 1.46 -5.76 -38.71
C VAL A 230 2.38 -6.09 -39.89
N ARG A 231 3.58 -6.63 -39.60
CA ARG A 231 4.54 -7.05 -40.64
C ARG A 231 4.06 -8.33 -41.32
N LYS A 232 4.52 -8.57 -42.56
CA LYS A 232 4.13 -9.74 -43.36
C LYS A 232 4.34 -11.05 -42.58
N GLY A 233 3.29 -11.87 -42.51
CA GLY A 233 3.31 -13.16 -41.84
C GLY A 233 3.02 -13.16 -40.34
N ALA A 234 2.80 -11.98 -39.74
CA ALA A 234 2.55 -11.88 -38.30
C ALA A 234 1.12 -12.27 -37.91
N VAL A 235 0.95 -12.66 -36.64
CA VAL A 235 -0.33 -13.02 -36.07
C VAL A 235 -0.72 -11.91 -35.08
N LEU A 236 -1.91 -11.33 -35.29
CA LEU A 236 -2.49 -10.30 -34.43
C LEU A 236 -3.49 -10.99 -33.48
N VAL A 237 -3.32 -10.76 -32.18
CA VAL A 237 -4.11 -11.39 -31.10
C VAL A 237 -4.84 -10.32 -30.26
N CYS A 238 -6.15 -10.54 -30.00
CA CYS A 238 -6.96 -9.65 -29.17
C CYS A 238 -7.89 -10.42 -28.22
N ALA A 239 -7.58 -10.39 -26.90
CA ALA A 239 -8.41 -10.97 -25.83
C ALA A 239 -9.50 -9.95 -25.49
N TRP A 240 -10.73 -10.39 -25.30
CA TRP A 240 -11.88 -9.52 -25.02
C TRP A 240 -12.68 -9.99 -23.79
N ALA A 241 -11.98 -10.14 -22.64
CA ALA A 241 -12.54 -10.55 -21.35
C ALA A 241 -13.49 -11.80 -21.45
N GLU A 242 -14.77 -11.70 -21.03
CA GLU A 242 -15.75 -12.79 -21.07
C GLU A 242 -16.11 -13.29 -22.49
N GLU A 243 -15.78 -12.50 -23.54
CA GLU A 243 -16.02 -12.87 -24.94
C GLU A 243 -14.89 -13.75 -25.50
N GLY A 244 -13.95 -14.13 -24.66
CA GLY A 244 -12.82 -14.96 -25.07
C GLY A 244 -11.75 -14.17 -25.78
N ALA A 245 -11.16 -14.75 -26.83
CA ALA A 245 -10.07 -14.13 -27.57
C ALA A 245 -10.09 -14.59 -29.01
N ASP A 246 -9.60 -13.71 -29.89
CA ASP A 246 -9.48 -13.94 -31.32
C ASP A 246 -8.03 -13.74 -31.76
N ALA A 247 -7.70 -14.33 -32.92
CA ALA A 247 -6.40 -14.22 -33.56
C ALA A 247 -6.59 -14.20 -35.08
N LEU A 248 -5.71 -13.48 -35.78
CA LEU A 248 -5.72 -13.35 -37.22
C LEU A 248 -4.29 -13.40 -37.76
N GLY A 249 -4.06 -14.36 -38.65
CA GLY A 249 -2.78 -14.58 -39.31
C GLY A 249 -2.79 -14.25 -40.79
N PRO A 250 -1.66 -14.52 -41.50
CA PRO A 250 -1.57 -14.15 -42.94
C PRO A 250 -2.59 -14.81 -43.87
N ASP A 251 -3.15 -15.98 -43.50
CA ASP A 251 -4.15 -16.68 -44.33
C ASP A 251 -5.54 -15.96 -44.35
N GLY A 252 -5.71 -14.95 -43.51
CA GLY A 252 -6.94 -14.17 -43.42
C GLY A 252 -8.10 -14.83 -42.70
N LYS A 253 -7.87 -16.00 -42.10
CA LYS A 253 -8.87 -16.77 -41.37
C LYS A 253 -8.92 -16.30 -39.90
N LEU A 254 -10.11 -15.82 -39.47
CA LEU A 254 -10.32 -15.40 -38.10
C LEU A 254 -10.39 -16.64 -37.21
N LEU A 255 -9.60 -16.67 -36.13
CA LEU A 255 -9.62 -17.76 -35.16
C LEU A 255 -10.24 -17.23 -33.88
N HIS A 256 -10.97 -18.07 -33.15
CA HIS A 256 -11.62 -17.66 -31.92
C HIS A 256 -11.58 -18.76 -30.86
N SER A 257 -11.50 -18.36 -29.60
CA SER A 257 -11.64 -19.24 -28.45
C SER A 257 -12.63 -18.60 -27.49
N ASP A 258 -13.56 -19.40 -26.95
CA ASP A 258 -14.45 -18.92 -25.90
C ASP A 258 -13.60 -18.81 -24.64
N ALA A 259 -14.04 -17.96 -23.71
CA ALA A 259 -13.36 -17.82 -22.44
C ALA A 259 -13.66 -19.09 -21.59
N PHE A 260 -12.88 -19.30 -20.53
CA PHE A 260 -13.09 -20.39 -19.57
C PHE A 260 -13.37 -19.69 -18.22
N PRO A 261 -14.49 -18.95 -18.06
CA PRO A 261 -14.67 -18.20 -16.81
C PRO A 261 -14.86 -19.15 -15.62
N PRO A 262 -14.27 -18.81 -14.46
CA PRO A 262 -14.51 -19.61 -13.25
C PRO A 262 -15.93 -19.34 -12.69
N PRO A 263 -16.60 -20.31 -12.03
CA PRO A 263 -17.94 -20.04 -11.47
C PRO A 263 -17.99 -18.81 -10.54
N ARG A 264 -16.90 -18.51 -9.83
CA ARG A 264 -16.75 -17.33 -8.98
C ARG A 264 -15.49 -16.60 -9.37
N VAL A 265 -15.63 -15.41 -10.00
CA VAL A 265 -14.51 -14.53 -10.42
C VAL A 265 -14.07 -13.68 -9.20
N VAL A 266 -12.80 -13.86 -8.71
CA VAL A 266 -12.33 -13.21 -7.48
C VAL A 266 -11.11 -12.27 -7.65
N ASP A 267 -10.26 -12.48 -8.70
CA ASP A 267 -9.09 -11.63 -8.95
C ASP A 267 -8.66 -11.70 -10.40
N THR A 268 -8.81 -10.59 -11.14
CA THR A 268 -8.42 -10.49 -12.55
C THR A 268 -7.08 -9.73 -12.75
N LEU A 269 -6.39 -9.34 -11.65
CA LEU A 269 -5.11 -8.65 -11.74
C LEU A 269 -4.05 -9.58 -12.31
N GLY A 270 -3.56 -9.21 -13.49
CA GLY A 270 -2.57 -10.00 -14.22
C GLY A 270 -3.17 -11.10 -15.08
N ALA A 271 -4.50 -11.07 -15.32
CA ALA A 271 -5.19 -12.06 -16.16
C ALA A 271 -4.76 -11.94 -17.63
N GLY A 272 -4.60 -10.69 -18.10
CA GLY A 272 -4.14 -10.37 -19.45
C GLY A 272 -2.72 -10.84 -19.67
N ASP A 273 -1.88 -10.70 -18.62
CA ASP A 273 -0.48 -11.14 -18.61
C ASP A 273 -0.39 -12.66 -18.57
N THR A 274 -1.36 -13.32 -17.90
CA THR A 274 -1.47 -14.79 -17.80
C THR A 274 -1.82 -15.31 -19.17
N PHE A 275 -2.77 -14.64 -19.87
CA PHE A 275 -3.18 -14.96 -21.24
C PHE A 275 -1.96 -14.82 -22.18
N ASN A 276 -1.23 -13.69 -22.10
CA ASN A 276 -0.09 -13.43 -22.97
C ASN A 276 1.00 -14.50 -22.84
N ALA A 277 1.43 -14.79 -21.59
CA ALA A 277 2.44 -15.80 -21.27
C ALA A 277 2.01 -17.19 -21.72
N SER A 278 0.73 -17.52 -21.55
CA SER A 278 0.19 -18.83 -21.92
C SER A 278 0.16 -19.02 -23.43
N VAL A 279 -0.23 -17.96 -24.17
CA VAL A 279 -0.22 -17.97 -25.65
C VAL A 279 1.23 -18.14 -26.14
N ILE A 280 2.17 -17.33 -25.59
CA ILE A 280 3.61 -17.39 -25.89
C ILE A 280 4.14 -18.82 -25.64
N PHE A 281 3.87 -19.37 -24.43
CA PHE A 281 4.31 -20.70 -24.04
C PHE A 281 3.85 -21.78 -25.01
N SER A 282 2.53 -21.80 -25.31
CA SER A 282 1.91 -22.74 -26.23
C SER A 282 2.54 -22.67 -27.62
N LEU A 283 2.69 -21.45 -28.18
CA LEU A 283 3.33 -21.23 -29.48
C LEU A 283 4.80 -21.68 -29.49
N SER A 284 5.55 -21.39 -28.40
CA SER A 284 6.97 -21.79 -28.27
C SER A 284 7.14 -23.32 -28.22
N GLN A 285 6.06 -24.05 -27.81
CA GLN A 285 5.98 -25.51 -27.72
C GLN A 285 5.57 -26.17 -29.05
N GLY A 286 5.40 -25.37 -30.10
CA GLY A 286 5.03 -25.86 -31.43
C GLY A 286 3.55 -26.04 -31.68
N ARG A 287 2.69 -25.57 -30.75
CA ARG A 287 1.25 -25.68 -30.91
C ARG A 287 0.71 -24.65 -31.93
N SER A 288 -0.45 -24.95 -32.53
CA SER A 288 -1.07 -24.05 -33.50
C SER A 288 -1.63 -22.79 -32.80
N VAL A 289 -1.93 -21.75 -33.59
CA VAL A 289 -2.51 -20.50 -33.11
C VAL A 289 -3.87 -20.78 -32.43
N GLN A 290 -4.70 -21.66 -33.04
CA GLN A 290 -5.99 -22.06 -32.49
C GLN A 290 -5.85 -22.68 -31.09
N GLU A 291 -4.90 -23.62 -30.93
CA GLU A 291 -4.62 -24.28 -29.66
C GLU A 291 -4.05 -23.30 -28.61
N ALA A 292 -3.18 -22.37 -29.04
CA ALA A 292 -2.57 -21.34 -28.18
C ALA A 292 -3.60 -20.36 -27.66
N LEU A 293 -4.60 -19.99 -28.51
CA LEU A 293 -5.70 -19.10 -28.14
C LEU A 293 -6.52 -19.75 -27.00
N ARG A 294 -6.96 -21.01 -27.21
CA ARG A 294 -7.73 -21.80 -26.25
C ARG A 294 -6.96 -21.93 -24.91
N PHE A 295 -5.65 -22.31 -24.96
CA PHE A 295 -4.76 -22.47 -23.80
C PHE A 295 -4.61 -21.17 -23.02
N GLY A 296 -4.46 -20.06 -23.76
CA GLY A 296 -4.43 -18.72 -23.20
C GLY A 296 -5.67 -18.45 -22.36
N CYS A 297 -6.84 -18.70 -22.94
CA CYS A 297 -8.14 -18.52 -22.26
C CYS A 297 -8.31 -19.48 -21.06
N GLN A 298 -7.80 -20.70 -21.18
CA GLN A 298 -7.84 -21.74 -20.17
C GLN A 298 -7.10 -21.34 -18.90
N VAL A 299 -5.83 -20.93 -19.05
CA VAL A 299 -4.96 -20.59 -17.91
C VAL A 299 -5.39 -19.26 -17.30
N ALA A 300 -5.71 -18.25 -18.13
CA ALA A 300 -6.18 -16.93 -17.67
C ALA A 300 -7.53 -17.02 -16.95
N GLY A 301 -8.41 -17.89 -17.46
CA GLY A 301 -9.73 -18.14 -16.87
C GLY A 301 -9.64 -18.80 -15.51
N LYS A 302 -8.68 -19.76 -15.37
CA LYS A 302 -8.41 -20.42 -14.09
C LYS A 302 -7.86 -19.40 -13.07
N LYS A 303 -6.94 -18.52 -13.52
CA LYS A 303 -6.32 -17.46 -12.72
C LYS A 303 -7.38 -16.54 -12.08
N CYS A 304 -8.43 -16.17 -12.86
CA CYS A 304 -9.51 -15.26 -12.44
C CYS A 304 -10.31 -15.78 -11.24
N GLY A 305 -10.27 -17.09 -10.99
CA GLY A 305 -10.94 -17.71 -9.85
C GLY A 305 -10.03 -17.94 -8.66
N LEU A 306 -8.80 -17.43 -8.72
CA LEU A 306 -7.78 -17.58 -7.66
C LEU A 306 -7.18 -16.22 -7.29
N GLN A 307 -6.71 -16.05 -6.03
CA GLN A 307 -5.99 -14.85 -5.63
C GLN A 307 -4.54 -15.08 -6.01
N GLY A 308 -3.98 -14.18 -6.80
CA GLY A 308 -2.61 -14.31 -7.28
C GLY A 308 -2.43 -15.38 -8.34
N PHE A 309 -1.23 -15.97 -8.41
CA PHE A 309 -0.87 -16.96 -9.42
C PHE A 309 -0.73 -18.40 -8.88
N ASP A 310 -0.67 -18.57 -7.55
CA ASP A 310 -0.59 -19.89 -6.93
C ASP A 310 -1.88 -20.68 -7.20
N GLY A 311 -1.70 -21.90 -7.70
CA GLY A 311 -2.82 -22.80 -7.95
C GLY A 311 -3.24 -22.95 -9.39
N ILE A 312 -2.60 -22.21 -10.31
CA ILE A 312 -2.84 -22.31 -11.74
C ILE A 312 -2.32 -23.68 -12.21
N VAL A 313 -1.22 -24.15 -11.57
CA VAL A 313 -0.59 -25.44 -11.84
C VAL A 313 -0.67 -26.36 -10.61
N SER B 12 19.15 -3.93 23.94
CA SER B 12 18.42 -2.67 23.72
C SER B 12 18.99 -1.53 24.58
N GLY B 13 20.01 -1.82 25.37
CA GLY B 13 20.65 -0.83 26.24
C GLY B 13 19.90 -0.52 27.52
N LEU B 14 20.68 -0.04 28.51
CA LEU B 14 20.20 0.34 29.83
C LEU B 14 19.27 1.56 29.72
N VAL B 15 18.01 1.42 30.18
CA VAL B 15 17.03 2.51 30.20
C VAL B 15 16.94 2.98 31.67
N PRO B 16 17.34 4.23 32.01
CA PRO B 16 17.26 4.64 33.42
C PRO B 16 15.81 4.59 33.97
N ARG B 17 15.68 4.17 35.23
CA ARG B 17 14.41 4.05 35.95
C ARG B 17 13.57 5.37 35.89
N GLY B 18 12.25 5.21 35.68
CA GLY B 18 11.25 6.27 35.56
C GLY B 18 11.62 7.39 34.59
N SER B 19 12.18 7.03 33.42
CA SER B 19 12.62 8.05 32.47
C SER B 19 11.78 8.16 31.23
N GLN B 20 11.12 7.07 30.82
CA GLN B 20 10.38 7.00 29.57
C GLN B 20 8.88 7.25 29.65
N ILE B 21 8.31 7.68 28.52
CA ILE B 21 6.89 7.85 28.31
C ILE B 21 6.53 6.74 27.30
N LEU B 22 5.62 5.86 27.70
CA LEU B 22 5.16 4.74 26.89
C LEU B 22 3.82 5.06 26.25
N CYS B 23 3.68 4.79 24.93
CA CYS B 23 2.39 4.92 24.23
C CYS B 23 1.99 3.56 23.71
N VAL B 24 0.80 3.09 24.13
CA VAL B 24 0.25 1.80 23.76
C VAL B 24 -0.87 2.06 22.76
N GLY B 25 -0.78 1.47 21.59
CA GLY B 25 -1.80 1.66 20.57
C GLY B 25 -1.41 1.09 19.24
N LEU B 26 -1.91 1.71 18.15
CA LEU B 26 -1.73 1.29 16.76
C LEU B 26 -0.58 1.95 16.03
N VAL B 27 0.10 1.16 15.18
CA VAL B 27 1.07 1.58 14.19
C VAL B 27 0.51 1.09 12.82
N VAL B 28 0.40 1.96 11.83
CA VAL B 28 -0.12 1.59 10.52
C VAL B 28 0.75 2.22 9.41
N LEU B 29 0.88 1.54 8.26
CA LEU B 29 1.55 2.05 7.07
C LEU B 29 0.47 2.67 6.22
N ASP B 30 0.50 4.00 6.09
CA ASP B 30 -0.41 4.73 5.23
C ASP B 30 0.24 4.97 3.88
N VAL B 31 -0.41 4.49 2.84
CA VAL B 31 0.03 4.65 1.46
C VAL B 31 -0.93 5.70 0.89
N ILE B 32 -0.42 6.93 0.72
CA ILE B 32 -1.18 8.08 0.19
C ILE B 32 -0.85 8.35 -1.26
N SER B 33 -1.88 8.35 -2.12
CA SER B 33 -1.77 8.57 -3.55
C SER B 33 -2.54 9.81 -3.91
N LEU B 34 -1.87 10.80 -4.51
CA LEU B 34 -2.51 12.04 -4.95
C LEU B 34 -2.88 11.87 -6.43
N VAL B 35 -4.19 11.97 -6.75
CA VAL B 35 -4.68 11.76 -8.11
C VAL B 35 -5.38 12.99 -8.69
N ASP B 36 -5.32 13.13 -10.03
CA ASP B 36 -5.95 14.20 -10.80
C ASP B 36 -7.48 13.99 -10.77
N LYS B 37 -7.91 12.74 -11.02
CA LYS B 37 -9.30 12.31 -11.01
C LYS B 37 -9.45 10.95 -10.35
N TYR B 38 -10.56 10.78 -9.58
CA TYR B 38 -10.87 9.54 -8.89
C TYR B 38 -11.03 8.38 -9.91
N PRO B 39 -10.29 7.26 -9.76
CA PRO B 39 -10.38 6.18 -10.75
C PRO B 39 -11.71 5.45 -10.74
N LYS B 40 -12.19 5.11 -11.94
CA LYS B 40 -13.40 4.30 -12.11
C LYS B 40 -12.97 2.87 -11.82
N GLU B 41 -13.89 2.01 -11.37
CA GLU B 41 -13.57 0.61 -11.06
C GLU B 41 -13.04 -0.14 -12.30
N ASP B 42 -11.99 -0.99 -12.09
CA ASP B 42 -11.29 -1.82 -13.10
C ASP B 42 -10.36 -1.01 -14.04
N SER B 43 -10.11 0.27 -13.71
CA SER B 43 -9.21 1.11 -14.51
C SER B 43 -7.78 1.20 -13.92
N GLU B 44 -6.83 1.64 -14.76
CA GLU B 44 -5.41 1.86 -14.43
C GLU B 44 -5.14 3.35 -14.61
N ILE B 45 -4.78 4.05 -13.53
CA ILE B 45 -4.48 5.48 -13.55
C ILE B 45 -3.10 5.71 -12.93
N ARG B 46 -2.43 6.81 -13.33
CA ARG B 46 -1.14 7.21 -12.78
C ARG B 46 -1.39 8.29 -11.74
N CYS B 47 -0.84 8.13 -10.53
CA CYS B 47 -0.99 9.17 -9.52
C CYS B 47 0.02 10.30 -9.81
N LEU B 48 -0.26 11.50 -9.29
CA LEU B 48 0.56 12.70 -9.42
C LEU B 48 1.79 12.54 -8.52
N SER B 49 1.56 12.08 -7.28
CA SER B 49 2.58 11.82 -6.26
C SER B 49 2.08 10.75 -5.25
N GLN B 50 3.01 9.94 -4.72
CA GLN B 50 2.67 8.86 -3.79
C GLN B 50 3.63 8.89 -2.61
N ARG B 51 3.12 8.71 -1.39
CA ARG B 51 3.92 8.73 -0.18
C ARG B 51 3.59 7.58 0.77
N TRP B 52 4.63 6.97 1.36
CA TRP B 52 4.51 5.96 2.41
C TRP B 52 4.79 6.71 3.71
N GLN B 53 3.86 6.61 4.67
CA GLN B 53 3.97 7.29 5.95
C GLN B 53 3.57 6.38 7.08
N ARG B 54 4.27 6.49 8.22
CA ARG B 54 3.94 5.77 9.44
C ARG B 54 2.82 6.58 10.11
N GLY B 55 1.71 5.90 10.40
CA GLY B 55 0.55 6.46 11.08
C GLY B 55 0.19 5.70 12.33
N GLY B 56 -1.02 5.93 12.82
CA GLY B 56 -1.50 5.35 14.06
C GLY B 56 -1.35 6.39 15.14
N ASN B 57 -2.39 6.54 16.00
CA ASN B 57 -2.45 7.55 17.08
C ASN B 57 -1.30 7.47 18.06
N ALA B 58 -1.05 6.28 18.65
CA ALA B 58 0.03 6.07 19.62
C ALA B 58 1.39 6.29 18.96
N SER B 59 1.55 5.80 17.73
CA SER B 59 2.75 5.90 16.91
C SER B 59 3.08 7.37 16.61
N ASN B 60 2.08 8.19 16.22
CA ASN B 60 2.23 9.63 15.94
C ASN B 60 2.60 10.41 17.19
N SER B 61 2.00 10.06 18.34
CA SER B 61 2.29 10.71 19.63
C SER B 61 3.74 10.48 20.03
N CYS B 62 4.27 9.27 19.76
CA CYS B 62 5.66 8.89 20.00
C CYS B 62 6.63 9.79 19.22
N THR B 63 6.32 10.07 17.92
CA THR B 63 7.12 10.97 17.07
C THR B 63 7.22 12.34 17.72
N VAL B 64 6.08 12.91 18.12
CA VAL B 64 5.97 14.24 18.74
C VAL B 64 6.73 14.28 20.05
N LEU B 65 6.54 13.27 20.91
CA LEU B 65 7.27 13.13 22.19
C LEU B 65 8.79 13.15 22.00
N SER B 66 9.30 12.37 21.00
CA SER B 66 10.74 12.33 20.69
C SER B 66 11.23 13.71 20.23
N LEU B 67 10.45 14.39 19.35
CA LEU B 67 10.78 15.75 18.85
C LEU B 67 10.74 16.78 19.96
N LEU B 68 9.89 16.57 20.99
CA LEU B 68 9.82 17.46 22.15
C LEU B 68 11.02 17.26 23.12
N GLY B 69 11.76 16.17 22.95
CA GLY B 69 12.93 15.88 23.77
C GLY B 69 12.68 14.89 24.89
N ALA B 70 11.58 14.12 24.80
CA ALA B 70 11.29 13.11 25.82
C ALA B 70 11.73 11.73 25.38
N PRO B 71 12.42 10.94 26.23
CA PRO B 71 12.71 9.55 25.88
C PRO B 71 11.37 8.81 25.84
N CYS B 72 11.12 8.07 24.77
CA CYS B 72 9.84 7.40 24.66
C CYS B 72 9.90 6.07 23.96
N ALA B 73 8.89 5.27 24.26
CA ALA B 73 8.72 3.93 23.74
C ALA B 73 7.30 3.76 23.19
N PHE B 74 7.18 2.89 22.20
CA PHE B 74 5.93 2.50 21.57
C PHE B 74 5.66 1.04 21.89
N MET B 75 4.44 0.74 22.28
CA MET B 75 3.99 -0.63 22.46
C MET B 75 2.79 -0.89 21.55
N GLY B 76 2.96 -1.79 20.61
CA GLY B 76 1.92 -2.15 19.67
C GLY B 76 2.28 -3.44 18.96
N SER B 77 1.33 -3.95 18.19
CA SER B 77 1.48 -5.21 17.45
C SER B 77 2.05 -4.99 16.07
N MET B 78 3.00 -5.87 15.70
CA MET B 78 3.60 -5.92 14.36
C MET B 78 3.82 -7.38 13.98
N ALA B 79 3.80 -7.65 12.68
CA ALA B 79 4.09 -8.96 12.08
C ALA B 79 5.37 -8.84 11.27
N PRO B 80 6.31 -9.81 11.42
CA PRO B 80 7.56 -9.75 10.62
C PRO B 80 7.28 -9.64 9.12
N GLY B 81 8.01 -8.77 8.46
CA GLY B 81 7.86 -8.52 7.02
C GLY B 81 8.36 -7.15 6.61
N HIS B 82 8.28 -6.86 5.31
CA HIS B 82 8.77 -5.61 4.73
C HIS B 82 8.01 -4.36 5.20
N VAL B 83 6.70 -4.50 5.53
CA VAL B 83 5.86 -3.41 6.05
C VAL B 83 6.42 -3.01 7.43
N ALA B 84 6.60 -4.01 8.33
CA ALA B 84 7.15 -3.85 9.68
C ALA B 84 8.56 -3.25 9.63
N ASP B 85 9.39 -3.71 8.65
CA ASP B 85 10.76 -3.20 8.45
C ASP B 85 10.74 -1.70 8.18
N PHE B 86 9.86 -1.25 7.25
CA PHE B 86 9.67 0.17 6.93
C PHE B 86 9.24 0.95 8.19
N LEU B 87 8.24 0.42 8.94
CA LEU B 87 7.68 1.06 10.14
C LEU B 87 8.68 1.14 11.27
N VAL B 88 9.50 0.11 11.45
CA VAL B 88 10.57 0.08 12.45
C VAL B 88 11.63 1.14 12.08
N ALA B 89 12.06 1.17 10.79
CA ALA B 89 13.06 2.12 10.32
C ALA B 89 12.57 3.57 10.51
N ASP B 90 11.26 3.81 10.31
CA ASP B 90 10.64 5.12 10.52
C ASP B 90 10.60 5.50 12.01
N PHE B 91 10.23 4.56 12.89
CA PHE B 91 10.24 4.81 14.34
C PHE B 91 11.65 5.18 14.79
N ARG B 92 12.69 4.41 14.34
CA ARG B 92 14.10 4.61 14.63
C ARG B 92 14.60 5.95 14.10
N ARG B 93 14.12 6.35 12.92
CA ARG B 93 14.38 7.67 12.30
C ARG B 93 13.86 8.81 13.22
N ARG B 94 12.81 8.52 14.02
CA ARG B 94 12.24 9.49 14.95
C ARG B 94 12.67 9.27 16.41
N GLY B 95 13.69 8.44 16.63
CA GLY B 95 14.27 8.16 17.94
C GLY B 95 13.38 7.46 18.96
N VAL B 96 12.40 6.68 18.46
CA VAL B 96 11.44 5.92 19.26
C VAL B 96 11.99 4.54 19.55
N ASP B 97 11.96 4.15 20.84
CA ASP B 97 12.39 2.87 21.36
C ASP B 97 11.28 1.86 20.99
N VAL B 98 11.63 0.77 20.29
CA VAL B 98 10.65 -0.23 19.83
C VAL B 98 10.79 -1.60 20.53
N SER B 99 11.54 -1.66 21.64
CA SER B 99 11.79 -2.89 22.40
C SER B 99 10.53 -3.56 22.97
N GLN B 100 9.42 -2.79 23.12
CA GLN B 100 8.15 -3.29 23.66
C GLN B 100 7.14 -3.72 22.60
N VAL B 101 7.51 -3.70 21.32
CA VAL B 101 6.62 -4.15 20.24
C VAL B 101 6.25 -5.65 20.44
N ALA B 102 4.95 -5.98 20.39
CA ALA B 102 4.50 -7.36 20.52
C ALA B 102 4.50 -7.99 19.12
N TRP B 103 5.57 -8.75 18.82
CA TRP B 103 5.71 -9.43 17.54
C TRP B 103 4.75 -10.63 17.43
N GLN B 104 3.98 -10.67 16.33
CA GLN B 104 2.96 -11.68 16.08
C GLN B 104 3.39 -12.76 15.08
N SER B 105 2.85 -13.98 15.24
CA SER B 105 3.11 -15.12 14.37
C SER B 105 1.96 -15.29 13.35
N LYS B 106 0.83 -14.59 13.58
CA LYS B 106 -0.36 -14.59 12.70
C LYS B 106 -0.80 -13.15 12.43
N GLY B 107 -1.29 -12.90 11.22
CA GLY B 107 -1.82 -11.60 10.80
C GLY B 107 -0.91 -10.73 9.94
N ASP B 108 -1.49 -9.62 9.44
CA ASP B 108 -0.83 -8.62 8.61
C ASP B 108 -0.54 -7.36 9.43
N THR B 109 0.67 -6.77 9.28
CA THR B 109 0.97 -5.48 9.91
C THR B 109 0.01 -4.49 9.23
N PRO B 110 -0.77 -3.70 9.99
CA PRO B 110 -1.77 -2.81 9.36
C PRO B 110 -1.27 -1.90 8.24
N SER B 111 -1.96 -1.92 7.09
CA SER B 111 -1.68 -1.09 5.92
C SER B 111 -2.96 -0.50 5.31
N SER B 112 -3.01 0.84 5.21
CA SER B 112 -4.15 1.59 4.66
C SER B 112 -3.80 2.31 3.37
N CYS B 113 -4.77 2.41 2.44
CA CYS B 113 -4.62 3.03 1.13
C CYS B 113 -5.51 4.25 1.04
N CYS B 114 -4.91 5.44 1.03
CA CYS B 114 -5.67 6.67 0.90
C CYS B 114 -5.51 7.25 -0.49
N ILE B 115 -6.65 7.60 -1.12
CA ILE B 115 -6.70 8.21 -2.45
C ILE B 115 -7.16 9.65 -2.25
N ILE B 116 -6.30 10.62 -2.62
CA ILE B 116 -6.63 12.04 -2.49
C ILE B 116 -6.83 12.67 -3.87
N ASN B 117 -8.04 13.24 -4.13
CA ASN B 117 -8.36 13.91 -5.39
C ASN B 117 -7.85 15.34 -5.34
N ASN B 118 -7.02 15.71 -6.33
CA ASN B 118 -6.41 17.03 -6.49
C ASN B 118 -7.44 18.09 -6.89
N SER B 119 -8.47 17.67 -7.66
CA SER B 119 -9.56 18.49 -8.20
C SER B 119 -10.73 18.75 -7.22
N ASN B 120 -10.61 18.28 -5.95
CA ASN B 120 -11.65 18.45 -4.93
C ASN B 120 -11.04 18.56 -3.53
N GLY B 121 -10.13 17.66 -3.20
CA GLY B 121 -9.50 17.57 -1.89
C GLY B 121 -10.05 16.39 -1.10
N ASN B 122 -11.04 15.68 -1.71
CA ASN B 122 -11.70 14.49 -1.15
C ASN B 122 -10.72 13.34 -0.89
N ARG B 123 -10.91 12.65 0.25
CA ARG B 123 -10.13 11.50 0.72
C ARG B 123 -10.97 10.22 0.71
N THR B 124 -10.52 9.20 -0.03
CA THR B 124 -11.14 7.87 -0.07
C THR B 124 -10.16 6.92 0.65
N ILE B 125 -10.65 6.22 1.68
CA ILE B 125 -9.82 5.35 2.52
C ILE B 125 -10.22 3.87 2.43
N VAL B 126 -9.24 3.02 2.11
CA VAL B 126 -9.36 1.56 2.16
C VAL B 126 -8.52 1.21 3.40
N LEU B 127 -9.19 1.09 4.55
CA LEU B 127 -8.62 0.81 5.87
C LEU B 127 -8.03 -0.60 5.96
N HIS B 128 -7.01 -0.74 6.82
CA HIS B 128 -6.30 -1.99 7.08
C HIS B 128 -7.24 -3.07 7.60
N ASP B 129 -6.91 -4.34 7.33
CA ASP B 129 -7.67 -5.47 7.82
C ASP B 129 -7.45 -5.65 9.36
N THR B 130 -8.24 -6.50 10.00
CA THR B 130 -8.12 -6.73 11.46
C THR B 130 -7.56 -8.15 11.77
N SER B 131 -6.65 -8.66 10.92
CA SER B 131 -6.08 -10.01 11.07
C SER B 131 -5.02 -10.08 12.19
N LEU B 132 -4.37 -8.94 12.48
CA LEU B 132 -3.33 -8.86 13.49
C LEU B 132 -3.91 -8.78 14.92
N PRO B 133 -3.56 -9.71 15.83
CA PRO B 133 -4.05 -9.61 17.22
C PRO B 133 -3.48 -8.38 17.94
N ASP B 134 -4.32 -7.71 18.74
CA ASP B 134 -3.94 -6.56 19.54
C ASP B 134 -3.05 -6.97 20.71
N VAL B 135 -2.49 -5.98 21.41
CA VAL B 135 -1.68 -6.20 22.61
C VAL B 135 -2.62 -6.74 23.68
N SER B 136 -2.28 -7.88 24.28
CA SER B 136 -3.09 -8.49 25.32
C SER B 136 -2.59 -8.09 26.72
N ALA B 137 -3.43 -8.31 27.74
CA ALA B 137 -3.13 -8.06 29.16
C ALA B 137 -1.96 -8.96 29.61
N THR B 138 -1.83 -10.14 28.98
CA THR B 138 -0.77 -11.12 29.21
C THR B 138 0.55 -10.60 28.63
N ASP B 139 0.51 -10.00 27.42
CA ASP B 139 1.69 -9.36 26.80
C ASP B 139 2.14 -8.19 27.70
N PHE B 140 1.18 -7.39 28.20
CA PHE B 140 1.47 -6.23 29.05
C PHE B 140 2.04 -6.62 30.42
N GLU B 141 1.68 -7.82 30.91
CA GLU B 141 2.12 -8.40 32.19
C GLU B 141 3.63 -8.73 32.20
N LYS B 142 4.21 -8.99 31.01
CA LYS B 142 5.62 -9.35 30.81
C LYS B 142 6.54 -8.12 30.78
N VAL B 143 5.95 -6.91 30.69
CA VAL B 143 6.69 -5.65 30.62
C VAL B 143 7.06 -5.16 32.01
N ASP B 144 8.37 -4.86 32.23
CA ASP B 144 8.85 -4.28 33.48
C ASP B 144 8.50 -2.79 33.39
N LEU B 145 7.76 -2.29 34.38
CA LEU B 145 7.22 -0.93 34.41
C LEU B 145 8.12 0.14 35.04
N THR B 146 9.16 -0.25 35.81
CA THR B 146 10.07 0.68 36.49
C THR B 146 10.71 1.75 35.59
N GLN B 147 10.89 1.49 34.25
CA GLN B 147 11.55 2.45 33.33
C GLN B 147 10.61 3.54 32.79
N PHE B 148 9.31 3.47 33.11
CA PHE B 148 8.35 4.44 32.63
C PHE B 148 7.89 5.36 33.74
N LYS B 149 7.78 6.67 33.45
CA LYS B 149 7.24 7.70 34.36
C LYS B 149 5.78 8.00 33.98
N TRP B 150 5.41 7.72 32.70
CA TRP B 150 4.08 7.97 32.15
C TRP B 150 3.71 6.87 31.16
N ILE B 151 2.45 6.41 31.24
CA ILE B 151 1.91 5.42 30.31
C ILE B 151 0.62 5.97 29.68
N HIS B 152 0.63 6.12 28.35
CA HIS B 152 -0.53 6.58 27.58
C HIS B 152 -1.13 5.42 26.77
N ILE B 153 -2.44 5.21 26.89
CA ILE B 153 -3.13 4.12 26.21
C ILE B 153 -4.15 4.63 25.22
N GLU B 154 -3.97 4.27 23.95
CA GLU B 154 -4.91 4.55 22.88
C GLU B 154 -6.00 3.47 22.99
N GLY B 155 -7.22 3.86 23.36
CA GLY B 155 -8.35 2.94 23.51
C GLY B 155 -8.70 2.16 22.24
N ARG B 156 -8.60 0.83 22.33
CA ARG B 156 -8.86 -0.09 21.20
C ARG B 156 -9.63 -1.31 21.68
N ASN B 157 -8.94 -2.30 22.29
CA ASN B 157 -9.48 -3.56 22.84
C ASN B 157 -9.67 -3.33 24.35
N ALA B 158 -10.69 -2.53 24.69
CA ALA B 158 -11.02 -2.03 26.03
C ALA B 158 -10.95 -3.04 27.17
N SER B 159 -11.57 -4.22 27.03
CA SER B 159 -11.58 -5.25 28.07
C SER B 159 -10.17 -5.75 28.44
N GLU B 160 -9.27 -5.83 27.45
CA GLU B 160 -7.88 -6.20 27.69
C GLU B 160 -7.11 -5.03 28.29
N GLN B 161 -7.38 -3.78 27.81
CA GLN B 161 -6.69 -2.57 28.26
C GLN B 161 -7.06 -2.16 29.69
N VAL B 162 -8.30 -2.47 30.12
CA VAL B 162 -8.78 -2.27 31.49
C VAL B 162 -7.89 -3.07 32.48
N LYS B 163 -7.50 -4.31 32.12
CA LYS B 163 -6.60 -5.18 32.90
C LYS B 163 -5.17 -4.59 32.99
N MET B 164 -4.66 -4.01 31.88
CA MET B 164 -3.34 -3.34 31.82
C MET B 164 -3.34 -2.16 32.81
N LEU B 165 -4.43 -1.36 32.77
CA LEU B 165 -4.69 -0.21 33.63
C LEU B 165 -4.76 -0.63 35.10
N GLN B 166 -5.41 -1.78 35.38
CA GLN B 166 -5.51 -2.34 36.74
C GLN B 166 -4.11 -2.79 37.24
N ARG B 167 -3.24 -3.30 36.33
CA ARG B 167 -1.87 -3.67 36.68
C ARG B 167 -1.05 -2.41 37.06
N ILE B 168 -1.20 -1.28 36.30
CA ILE B 168 -0.50 -0.02 36.62
C ILE B 168 -0.97 0.50 38.00
N ASP B 169 -2.28 0.42 38.29
CA ASP B 169 -2.85 0.82 39.59
C ASP B 169 -2.22 0.05 40.73
N ALA B 170 -2.11 -1.30 40.60
CA ALA B 170 -1.50 -2.18 41.62
C ALA B 170 -0.03 -1.83 41.86
N HIS B 171 0.72 -1.57 40.77
CA HIS B 171 2.13 -1.17 40.81
C HIS B 171 2.26 0.14 41.63
N ASN B 172 1.41 1.14 41.33
CA ASN B 172 1.40 2.45 41.98
C ASN B 172 1.07 2.43 43.48
N THR B 173 0.26 1.45 43.95
CA THR B 173 -0.11 1.35 45.38
C THR B 173 1.11 1.17 46.29
N ARG B 174 2.17 0.46 45.83
CA ARG B 174 3.42 0.23 46.57
C ARG B 174 4.46 1.35 46.36
N GLN B 175 4.18 2.33 45.48
CA GLN B 175 5.18 3.36 45.18
C GLN B 175 4.99 4.64 45.94
N PRO B 176 6.09 5.31 46.40
CA PRO B 176 5.92 6.65 46.99
C PRO B 176 5.43 7.65 45.92
N PRO B 177 4.72 8.76 46.28
CA PRO B 177 4.18 9.68 45.26
C PRO B 177 5.10 10.16 44.13
N GLU B 178 6.44 10.18 44.33
CA GLU B 178 7.38 10.62 43.28
C GLU B 178 7.72 9.50 42.28
N GLN B 179 7.56 8.23 42.68
CA GLN B 179 7.85 7.05 41.86
C GLN B 179 6.57 6.41 41.28
N LYS B 180 5.44 7.12 41.35
CA LYS B 180 4.16 6.64 40.81
C LYS B 180 4.08 6.94 39.33
N ILE B 181 3.71 5.95 38.52
CA ILE B 181 3.55 6.11 37.08
C ILE B 181 2.24 6.84 36.77
N ARG B 182 2.34 7.97 36.05
CA ARG B 182 1.17 8.74 35.63
C ARG B 182 0.52 8.11 34.41
N VAL B 183 -0.82 8.14 34.35
CA VAL B 183 -1.58 7.45 33.31
C VAL B 183 -2.53 8.34 32.51
N SER B 184 -2.55 8.13 31.19
CA SER B 184 -3.50 8.80 30.31
C SER B 184 -4.14 7.80 29.36
N VAL B 185 -5.38 8.07 28.96
CA VAL B 185 -6.16 7.25 28.04
C VAL B 185 -6.80 8.18 26.99
N GLU B 186 -6.95 7.68 25.75
CA GLU B 186 -7.65 8.39 24.68
C GLU B 186 -8.86 7.57 24.22
N VAL B 187 -10.02 8.21 24.10
CA VAL B 187 -11.27 7.65 23.58
C VAL B 187 -11.55 8.50 22.33
N GLU B 188 -11.07 8.01 21.18
CA GLU B 188 -11.13 8.71 19.90
C GLU B 188 -12.23 8.20 18.94
N LYS B 189 -12.59 6.91 19.05
CA LYS B 189 -13.63 6.30 18.21
C LYS B 189 -14.96 6.19 18.98
N PRO B 190 -16.11 6.48 18.32
CA PRO B 190 -17.40 6.37 19.03
C PRO B 190 -17.89 4.92 19.11
N ARG B 191 -17.12 4.06 19.79
CA ARG B 191 -17.40 2.65 19.99
C ARG B 191 -17.74 2.46 21.45
N GLU B 192 -18.95 1.92 21.72
CA GLU B 192 -19.52 1.71 23.05
C GLU B 192 -18.56 1.04 24.07
N GLU B 193 -17.87 -0.03 23.65
CA GLU B 193 -16.95 -0.79 24.51
C GLU B 193 -15.80 0.05 25.07
N LEU B 194 -15.43 1.16 24.41
CA LEU B 194 -14.37 2.07 24.84
C LEU B 194 -14.75 2.95 26.03
N PHE B 195 -16.06 3.16 26.28
CA PHE B 195 -16.53 4.09 27.31
C PHE B 195 -16.17 3.68 28.74
N GLN B 196 -15.85 2.41 28.97
CA GLN B 196 -15.41 1.92 30.28
C GLN B 196 -14.01 2.47 30.64
N LEU B 197 -13.23 2.90 29.62
CA LEU B 197 -11.88 3.47 29.78
C LEU B 197 -11.87 4.86 30.42
N PHE B 198 -13.03 5.56 30.41
CA PHE B 198 -13.22 6.87 31.04
C PHE B 198 -12.89 6.82 32.54
N GLY B 199 -13.28 5.71 33.19
CA GLY B 199 -13.06 5.46 34.61
C GLY B 199 -11.63 5.14 35.00
N TYR B 200 -10.68 5.24 34.05
CA TYR B 200 -9.26 4.94 34.24
C TYR B 200 -8.35 6.08 33.78
N GLY B 201 -7.23 6.23 34.46
CA GLY B 201 -6.25 7.25 34.15
C GLY B 201 -6.37 8.53 34.95
N ASP B 202 -5.26 9.25 35.07
CA ASP B 202 -5.15 10.56 35.73
C ASP B 202 -5.66 11.63 34.75
N VAL B 203 -5.47 11.38 33.43
CA VAL B 203 -5.80 12.26 32.32
C VAL B 203 -6.58 11.44 31.27
N VAL B 204 -7.77 11.93 30.87
CA VAL B 204 -8.63 11.28 29.87
C VAL B 204 -8.83 12.23 28.69
N PHE B 205 -8.42 11.82 27.50
CA PHE B 205 -8.63 12.58 26.29
C PHE B 205 -9.88 12.04 25.58
N VAL B 206 -10.81 12.93 25.24
CA VAL B 206 -12.00 12.58 24.50
C VAL B 206 -12.03 13.40 23.21
N SER B 207 -12.21 12.72 22.07
CA SER B 207 -12.21 13.42 20.77
C SER B 207 -13.50 14.15 20.53
N LYS B 208 -13.46 15.15 19.63
CA LYS B 208 -14.60 15.93 19.18
C LYS B 208 -15.63 14.98 18.53
N ASP B 209 -15.16 14.01 17.71
CA ASP B 209 -16.00 13.01 17.03
C ASP B 209 -16.84 12.19 18.00
N VAL B 210 -16.23 11.70 19.11
CA VAL B 210 -16.93 10.96 20.18
C VAL B 210 -18.01 11.85 20.80
N ALA B 211 -17.62 13.07 21.23
CA ALA B 211 -18.48 14.08 21.86
C ALA B 211 -19.70 14.40 20.99
N LYS B 212 -19.50 14.61 19.67
CA LYS B 212 -20.56 14.89 18.71
C LYS B 212 -21.51 13.71 18.59
N HIS B 213 -20.96 12.47 18.53
CA HIS B 213 -21.71 11.23 18.47
C HIS B 213 -22.53 10.98 19.72
N LEU B 214 -22.10 11.53 20.87
CA LEU B 214 -22.84 11.44 22.13
C LEU B 214 -23.84 12.62 22.31
N GLY B 215 -23.98 13.45 21.27
CA GLY B 215 -24.91 14.58 21.25
C GLY B 215 -24.39 15.92 21.72
N PHE B 216 -23.07 16.01 22.07
CA PHE B 216 -22.47 17.25 22.54
C PHE B 216 -22.04 18.13 21.38
N GLN B 217 -22.32 19.44 21.49
CA GLN B 217 -22.07 20.44 20.44
C GLN B 217 -20.86 21.32 20.67
N SER B 218 -20.15 21.18 21.81
CA SER B 218 -18.96 21.96 22.15
C SER B 218 -18.10 21.21 23.15
N ALA B 219 -16.83 21.64 23.32
CA ALA B 219 -15.89 21.06 24.26
C ALA B 219 -16.41 21.21 25.69
N GLU B 220 -17.04 22.37 25.99
CA GLU B 220 -17.63 22.71 27.28
C GLU B 220 -18.79 21.75 27.62
N GLU B 221 -19.71 21.53 26.64
CA GLU B 221 -20.86 20.64 26.79
C GLU B 221 -20.38 19.22 27.08
N ALA B 222 -19.41 18.75 26.29
CA ALA B 222 -18.80 17.43 26.40
C ALA B 222 -18.14 17.20 27.75
N LEU B 223 -17.34 18.17 28.24
CA LEU B 223 -16.66 18.04 29.53
C LEU B 223 -17.61 17.97 30.72
N ARG B 224 -18.64 18.86 30.76
CA ARG B 224 -19.64 18.88 31.83
C ARG B 224 -20.51 17.62 31.80
N GLY B 225 -20.85 17.14 30.60
CA GLY B 225 -21.66 15.95 30.39
C GLY B 225 -20.97 14.62 30.59
N LEU B 226 -19.63 14.58 30.43
CA LEU B 226 -18.88 13.33 30.58
C LEU B 226 -18.01 13.24 31.84
N TYR B 227 -17.84 14.35 32.61
CA TYR B 227 -16.99 14.32 33.79
C TYR B 227 -17.37 13.22 34.81
N GLY B 228 -18.67 12.94 34.97
CA GLY B 228 -19.20 11.93 35.88
C GLY B 228 -18.70 10.51 35.64
N ARG B 229 -18.09 10.26 34.46
CA ARG B 229 -17.56 8.96 34.05
C ARG B 229 -16.09 8.71 34.47
N VAL B 230 -15.33 9.79 34.77
CA VAL B 230 -13.92 9.65 35.12
C VAL B 230 -13.74 9.28 36.60
N ARG B 231 -12.57 8.71 36.96
CA ARG B 231 -12.25 8.34 38.34
C ARG B 231 -11.95 9.60 39.15
N LYS B 232 -12.13 9.52 40.48
CA LYS B 232 -11.88 10.62 41.42
C LYS B 232 -10.49 11.27 41.20
N GLY B 233 -10.49 12.59 41.01
CA GLY B 233 -9.28 13.38 40.81
C GLY B 233 -8.74 13.47 39.40
N ALA B 234 -9.39 12.80 38.43
CA ALA B 234 -8.91 12.81 37.04
C ALA B 234 -9.24 14.10 36.29
N VAL B 235 -8.46 14.37 35.25
CA VAL B 235 -8.65 15.54 34.39
C VAL B 235 -9.15 15.03 33.02
N LEU B 236 -10.31 15.55 32.60
CA LEU B 236 -10.93 15.24 31.31
C LEU B 236 -10.56 16.37 30.33
N VAL B 237 -9.99 16.01 29.17
CA VAL B 237 -9.51 16.93 28.15
C VAL B 237 -10.24 16.71 26.80
N CYS B 238 -10.65 17.82 26.15
CA CYS B 238 -11.30 17.79 24.84
C CYS B 238 -10.84 18.94 23.92
N ALA B 239 -10.07 18.59 22.86
CA ALA B 239 -9.65 19.54 21.82
C ALA B 239 -10.78 19.64 20.79
N TRP B 240 -11.08 20.86 20.33
CA TRP B 240 -12.18 21.09 19.39
C TRP B 240 -11.74 21.93 18.18
N ALA B 241 -10.68 21.45 17.48
CA ALA B 241 -10.11 22.08 16.28
C ALA B 241 -9.87 23.61 16.44
N GLU B 242 -10.50 24.47 15.59
CA GLU B 242 -10.36 25.95 15.62
C GLU B 242 -10.89 26.62 16.89
N GLU B 243 -11.71 25.90 17.69
CA GLU B 243 -12.25 26.42 18.95
C GLU B 243 -11.28 26.21 20.13
N GLY B 244 -10.10 25.70 19.85
CA GLY B 244 -9.07 25.44 20.85
C GLY B 244 -9.35 24.17 21.61
N ALA B 245 -9.09 24.18 22.91
CA ALA B 245 -9.25 23.01 23.77
C ALA B 245 -9.60 23.39 25.17
N ASP B 246 -10.33 22.48 25.83
CA ASP B 246 -10.78 22.64 27.20
C ASP B 246 -10.31 21.46 28.05
N ALA B 247 -10.28 21.68 29.37
CA ALA B 247 -9.95 20.68 30.37
C ALA B 247 -10.79 20.92 31.61
N LEU B 248 -11.15 19.84 32.29
CA LEU B 248 -11.95 19.87 33.51
C LEU B 248 -11.38 18.87 34.53
N GLY B 249 -11.02 19.40 35.70
CA GLY B 249 -10.49 18.64 36.82
C GLY B 249 -11.43 18.55 38.01
N PRO B 250 -10.97 17.92 39.12
CA PRO B 250 -11.84 17.74 40.30
C PRO B 250 -12.39 19.02 40.95
N ASP B 251 -11.70 20.18 40.80
CA ASP B 251 -12.17 21.45 41.36
C ASP B 251 -13.42 22.02 40.66
N GLY B 252 -13.82 21.41 39.54
CA GLY B 252 -14.99 21.80 38.76
C GLY B 252 -14.84 23.05 37.91
N LYS B 253 -13.62 23.60 37.83
CA LYS B 253 -13.31 24.81 37.07
C LYS B 253 -12.97 24.44 35.61
N LEU B 254 -13.75 24.94 34.65
CA LEU B 254 -13.50 24.71 33.24
C LEU B 254 -12.29 25.53 32.81
N LEU B 255 -11.28 24.87 32.21
CA LEU B 255 -10.08 25.53 31.72
C LEU B 255 -10.16 25.55 30.21
N HIS B 256 -9.64 26.58 29.59
CA HIS B 256 -9.71 26.73 28.16
C HIS B 256 -8.46 27.39 27.61
N SER B 257 -8.09 26.97 26.40
CA SER B 257 -7.07 27.61 25.61
C SER B 257 -7.62 27.86 24.22
N ASP B 258 -7.36 29.04 23.66
CA ASP B 258 -7.71 29.33 22.28
C ASP B 258 -6.73 28.56 21.42
N ALA B 259 -7.12 28.28 20.18
CA ALA B 259 -6.25 27.62 19.22
C ALA B 259 -5.18 28.63 18.75
N PHE B 260 -4.08 28.11 18.18
CA PHE B 260 -2.98 28.89 17.61
C PHE B 260 -2.95 28.53 16.11
N PRO B 261 -3.97 28.93 15.31
CA PRO B 261 -3.95 28.54 13.89
C PRO B 261 -2.77 29.15 13.12
N PRO B 262 -2.18 28.36 12.21
CA PRO B 262 -1.07 28.90 11.40
C PRO B 262 -1.57 29.88 10.32
N PRO B 263 -0.72 30.85 9.85
CA PRO B 263 -1.16 31.76 8.75
C PRO B 263 -1.75 31.03 7.52
N ARG B 264 -1.23 29.83 7.22
CA ARG B 264 -1.72 28.95 6.17
C ARG B 264 -1.73 27.49 6.66
N VAL B 265 -2.88 26.82 6.53
CA VAL B 265 -3.10 25.43 6.91
C VAL B 265 -2.67 24.54 5.74
N VAL B 266 -1.76 23.57 6.02
CA VAL B 266 -1.17 22.66 5.05
C VAL B 266 -1.60 21.18 5.28
N ASP B 267 -1.66 20.74 6.54
CA ASP B 267 -1.87 19.34 6.90
C ASP B 267 -2.27 19.20 8.38
N THR B 268 -3.47 18.66 8.62
CA THR B 268 -4.01 18.44 9.97
C THR B 268 -3.94 16.96 10.40
N LEU B 269 -3.35 16.09 9.56
CA LEU B 269 -3.22 14.67 9.88
C LEU B 269 -2.24 14.47 11.04
N GLY B 270 -2.77 13.96 12.15
CA GLY B 270 -1.99 13.74 13.37
C GLY B 270 -1.92 14.96 14.27
N ALA B 271 -2.76 16.00 14.01
CA ALA B 271 -2.82 17.23 14.82
C ALA B 271 -3.35 16.92 16.25
N GLY B 272 -4.34 16.04 16.34
CA GLY B 272 -4.91 15.59 17.60
C GLY B 272 -3.92 14.80 18.42
N ASP B 273 -3.08 13.99 17.74
CA ASP B 273 -2.00 13.20 18.34
C ASP B 273 -0.88 14.11 18.81
N THR B 274 -0.62 15.22 18.09
CA THR B 274 0.38 16.26 18.40
C THR B 274 -0.06 16.97 19.67
N PHE B 275 -1.37 17.32 19.74
CA PHE B 275 -1.99 17.92 20.92
C PHE B 275 -1.85 16.96 22.13
N ASN B 276 -2.21 15.69 21.96
CA ASN B 276 -2.16 14.70 23.06
C ASN B 276 -0.74 14.55 23.66
N ALA B 277 0.25 14.32 22.80
CA ALA B 277 1.65 14.18 23.18
C ALA B 277 2.18 15.44 23.86
N SER B 278 1.80 16.63 23.36
CA SER B 278 2.23 17.93 23.90
C SER B 278 1.65 18.17 25.29
N VAL B 279 0.36 17.83 25.49
CA VAL B 279 -0.31 17.94 26.80
C VAL B 279 0.39 17.00 27.79
N ILE B 280 0.59 15.72 27.39
CA ILE B 280 1.28 14.69 28.19
C ILE B 280 2.67 15.18 28.60
N PHE B 281 3.46 15.66 27.60
CA PHE B 281 4.81 16.15 27.81
C PHE B 281 4.86 17.27 28.85
N SER B 282 4.03 18.31 28.66
CA SER B 282 3.92 19.46 29.55
C SER B 282 3.56 19.03 30.99
N LEU B 283 2.54 18.16 31.15
CA LEU B 283 2.16 17.64 32.46
C LEU B 283 3.28 16.81 33.10
N SER B 284 4.00 15.97 32.31
CA SER B 284 5.13 15.14 32.82
C SER B 284 6.30 15.99 33.29
N GLN B 285 6.41 17.24 32.79
CA GLN B 285 7.42 18.24 33.13
C GLN B 285 7.04 19.08 34.38
N GLY B 286 5.90 18.77 35.02
CA GLY B 286 5.43 19.45 36.21
C GLY B 286 4.60 20.70 35.98
N ARG B 287 4.22 20.99 34.72
CA ARG B 287 3.41 22.17 34.41
C ARG B 287 1.94 21.97 34.80
N SER B 288 1.22 23.09 34.99
CA SER B 288 -0.21 23.04 35.34
C SER B 288 -1.07 22.61 34.11
N VAL B 289 -2.32 22.23 34.36
CA VAL B 289 -3.27 21.84 33.33
C VAL B 289 -3.50 23.00 32.35
N GLN B 290 -3.65 24.24 32.88
CA GLN B 290 -3.82 25.45 32.08
C GLN B 290 -2.63 25.65 31.10
N GLU B 291 -1.40 25.55 31.59
CA GLU B 291 -0.18 25.68 30.79
C GLU B 291 -0.06 24.54 29.75
N ALA B 292 -0.44 23.29 30.14
CA ALA B 292 -0.40 22.11 29.25
C ALA B 292 -1.41 22.21 28.12
N LEU B 293 -2.61 22.80 28.39
CA LEU B 293 -3.65 23.05 27.40
C LEU B 293 -3.11 24.02 26.34
N ARG B 294 -2.52 25.16 26.79
CA ARG B 294 -1.95 26.21 25.93
C ARG B 294 -0.83 25.66 25.05
N PHE B 295 0.10 24.90 25.66
CA PHE B 295 1.22 24.23 24.98
C PHE B 295 0.72 23.22 23.93
N GLY B 296 -0.30 22.42 24.28
CA GLY B 296 -0.96 21.49 23.38
C GLY B 296 -1.46 22.19 22.13
N CYS B 297 -2.20 23.31 22.32
CA CYS B 297 -2.73 24.14 21.22
C CYS B 297 -1.65 24.82 20.38
N GLN B 298 -0.58 25.23 21.04
CA GLN B 298 0.59 25.88 20.44
C GLN B 298 1.31 24.94 19.46
N VAL B 299 1.65 23.72 19.91
CA VAL B 299 2.41 22.74 19.11
C VAL B 299 1.54 22.15 18.00
N ALA B 300 0.28 21.79 18.32
CA ALA B 300 -0.67 21.25 17.34
C ALA B 300 -1.04 22.28 16.26
N GLY B 301 -1.14 23.54 16.66
CA GLY B 301 -1.44 24.65 15.76
C GLY B 301 -0.29 24.89 14.79
N LYS B 302 0.97 24.81 15.29
CA LYS B 302 2.16 24.93 14.46
C LYS B 302 2.25 23.75 13.46
N LYS B 303 1.91 22.53 13.90
CA LYS B 303 1.91 21.31 13.08
C LYS B 303 0.98 21.46 11.86
N CYS B 304 -0.20 22.09 12.04
CA CYS B 304 -1.21 22.29 11.00
C CYS B 304 -0.72 23.14 9.81
N GLY B 305 0.34 23.92 10.01
CA GLY B 305 0.95 24.72 8.96
C GLY B 305 2.17 24.08 8.33
N LEU B 306 2.45 22.81 8.67
CA LEU B 306 3.60 22.05 8.19
C LEU B 306 3.18 20.70 7.64
N GLN B 307 3.96 20.15 6.71
CA GLN B 307 3.74 18.83 6.14
C GLN B 307 4.44 17.83 7.07
N GLY B 308 3.67 16.91 7.64
CA GLY B 308 4.22 15.94 8.58
C GLY B 308 4.58 16.57 9.91
N PHE B 309 5.63 16.05 10.57
CA PHE B 309 6.05 16.49 11.89
C PHE B 309 7.37 17.25 11.92
N ASP B 310 8.14 17.26 10.82
CA ASP B 310 9.39 18.02 10.74
C ASP B 310 9.13 19.52 10.89
N GLY B 311 9.83 20.15 11.85
CA GLY B 311 9.71 21.58 12.09
C GLY B 311 8.81 22.02 13.22
N ILE B 312 8.10 21.08 13.89
CA ILE B 312 7.20 21.44 15.02
C ILE B 312 8.02 21.92 16.22
N VAL B 313 9.29 21.41 16.31
CA VAL B 313 10.37 21.68 17.27
C VAL B 313 9.86 21.85 18.73
S SO4 C . -4.15 -7.44 -16.61
O1 SO4 C . -2.87 -8.12 -16.88
O2 SO4 C . -4.39 -6.40 -17.61
O3 SO4 C . -5.28 -8.40 -16.72
O4 SO4 C . -4.14 -6.87 -15.24
C4 VTJ D . -9.22 -12.32 -19.72
C5 VTJ D . -10.36 -12.00 -18.92
C6 VTJ D . -10.31 -10.77 -18.22
C8 VTJ D . -12.29 -11.72 -17.73
C10 VTJ D . -12.15 -13.93 -19.07
C15 VTJ D . -7.46 -13.85 -21.30
C17 VTJ D . -13.96 -13.26 -16.71
C20 VTJ D . -15.88 -11.21 -16.75
C21 VTJ D . -16.19 -12.46 -16.23
C22 VTJ D . -15.25 -13.48 -16.24
C26 VTJ D . -16.82 -8.08 -13.60
C28 VTJ D . -18.41 -8.60 -15.36
C1 VTJ D . -8.13 -11.46 -19.80
C2 VTJ D . -8.13 -10.27 -19.09
C3 VTJ D . -9.21 -9.90 -18.31
N7 VTJ D . -11.48 -10.62 -17.50
C9 VTJ D . -11.64 -12.61 -18.56
C11 VTJ D . -12.53 -14.99 -18.03
C12 VTJ D . -12.96 -14.40 -16.67
S13 VTJ D . -9.09 -13.82 -20.69
O14 VTJ D . -9.99 -13.69 -21.80
O16 VTJ D . -9.26 -14.93 -19.81
C18 VTJ D . -13.62 -11.98 -17.18
C19 VTJ D . -14.60 -10.98 -17.22
C23 VTJ D . -16.91 -10.12 -16.73
N24 VTJ D . -17.28 -9.65 -15.34
C25 VTJ D . -16.14 -8.99 -14.61
C27 VTJ D . -18.03 -7.50 -14.33
C29 VTJ D . -19.18 -7.12 -13.40
C30 VTJ D . -19.67 -5.81 -13.38
C31 VTJ D . -20.73 -5.47 -12.55
C32 VTJ D . -21.31 -6.42 -11.72
C33 VTJ D . -20.83 -7.72 -11.73
C34 VTJ D . -19.78 -8.06 -12.57
O35 VTJ D . -17.60 -6.44 -15.19
S SO4 E . 7.01 12.79 8.29
O1 SO4 E . 8.41 12.45 8.04
O2 SO4 E . 6.52 13.62 7.20
O3 SO4 E . 6.90 13.51 9.56
O4 SO4 E . 6.21 11.57 8.36
S SO4 F . -8.66 1.32 13.14
O1 SO4 F . -7.68 1.95 12.24
O2 SO4 F . -9.99 1.43 12.54
O3 SO4 F . -8.35 -0.08 13.35
O4 SO4 F . -8.64 2.03 14.43
S SO4 G . -9.53 19.21 10.70
O1 SO4 G . -10.01 17.85 10.48
O2 SO4 G . -8.94 19.70 9.45
O3 SO4 G . -10.65 20.07 11.10
O4 SO4 G . -8.52 19.20 11.75
C4 VTJ H . -6.21 20.85 16.81
C5 VTJ H . -6.68 21.36 15.57
C6 VTJ H . -7.22 20.41 14.66
C8 VTJ H . -7.37 22.41 13.66
C10 VTJ H . -6.38 23.96 15.54
C15 VTJ H . -5.02 20.74 19.34
C17 VTJ H . -6.82 24.48 12.34
C20 VTJ H . -8.99 23.95 10.61
C21 VTJ H . -8.18 25.05 10.42
C22 VTJ H . -7.13 25.33 11.28
C26 VTJ H . -10.03 21.68 6.51
C28 VTJ H . -8.44 22.52 8.05
C1 VTJ H . -6.31 19.50 17.11
C2 VTJ H . -6.83 18.61 16.19
C3 VTJ H . -7.28 19.04 14.96
N7 VTJ H . -7.54 21.06 13.49
C9 VTJ H . -6.78 22.67 14.88
C11 VTJ H . -6.10 25.19 14.67
C12 VTJ H . -5.67 24.85 13.24
S13 VTJ H . -5.62 21.86 18.16
O14 VTJ H . -6.76 22.54 18.73
O16 VTJ H . -4.53 22.66 17.68
C18 VTJ H . -7.65 23.37 12.57
C19 VTJ H . -8.71 23.11 11.70
C23 VTJ H . -10.10 23.63 9.65
N24 VTJ H . -9.80 22.41 8.79
C25 VTJ H . -10.83 22.16 7.72
C27 VTJ H . -8.74 22.51 6.53
C29 VTJ H . -7.58 21.96 5.71
C30 VTJ H . -6.95 22.76 4.74
C31 VTJ H . -5.85 22.28 4.03
C32 VTJ H . -5.36 21.01 4.28
C33 VTJ H . -5.95 20.23 5.26
C34 VTJ H . -7.05 20.70 5.97
O35 VTJ H . -9.03 23.89 6.25
#